data_3GO5
#
_entry.id   3GO5
#
_cell.length_a   62.560
_cell.length_b   62.560
_cell.length_c   160.200
_cell.angle_alpha   90.000
_cell.angle_beta   90.000
_cell.angle_gamma   120.000
#
_symmetry.space_group_name_H-M   'P 32 2 1'
#
loop_
_entity.id
_entity.type
_entity.pdbx_description
1 polymer 'Multidomain protein with S1 RNA-binding domains'
2 non-polymer 'CHLORIDE ION'
3 non-polymer 1,2-ETHANEDIOL
4 water water
#
_entity_poly.entity_id   1
_entity_poly.type   'polypeptide(L)'
_entity_poly.pdbx_seq_one_letter_code
;G(MSE)NTNLASFIVGLIIDENDRFYFVQKDGQTYALAKEEGQHTVGDTVKGFAYTD(MSE)KQKLRLTTLEVTATQDQF
GWGRVTEVRKDLGVFVDTGLPDKEIVVSLDILPELKELWPKKGDQLYIRLEVDKKDRIWGLLAYQEDFQRLARPAYNN
(MSE)QNQNWPAIVYRLKLSGTFVYLPENN(MSE)LGFIHPSERYAEPRLGQVLDARVIGFREVDRTLNLSLKPRSFE
(MSE)LENDAQ(MSE)ILTYLESNGGF(MSE)TLNDKSSPDDIKATFGISKGQFKKALGGL(MSE)KAGKIKQDQFGTEL
I
;
_entity_poly.pdbx_strand_id   A
#
loop_
_chem_comp.id
_chem_comp.type
_chem_comp.name
_chem_comp.formula
CL non-polymer 'CHLORIDE ION' 'Cl -1'
EDO non-polymer 1,2-ETHANEDIOL 'C2 H6 O2'
#
# COMPACT_ATOMS: atom_id res chain seq x y z
N GLY A 1 -0.63 -22.74 -31.57
CA GLY A 1 -0.91 -22.80 -30.10
C GLY A 1 -0.87 -21.42 -29.47
N MSE A 2 -0.48 -21.36 -28.21
CA MSE A 2 -0.55 -20.10 -27.50
C MSE A 2 0.55 -19.11 -27.95
O MSE A 2 1.62 -19.51 -28.41
CB MSE A 2 -0.52 -20.33 -26.00
CG MSE A 2 0.82 -20.55 -25.41
SE MSE A 2 0.56 -21.03 -23.54
CE MSE A 2 0.50 -19.40 -22.64
N ASN A 3 0.25 -17.83 -27.81
CA ASN A 3 1.16 -16.77 -28.23
C ASN A 3 2.07 -16.50 -27.05
N THR A 4 3.31 -17.00 -27.15
CA THR A 4 4.25 -16.93 -26.04
C THR A 4 4.83 -15.54 -25.89
N ASN A 5 4.46 -14.62 -26.78
CA ASN A 5 4.90 -13.24 -26.62
C ASN A 5 3.97 -12.43 -25.73
N LEU A 6 2.78 -12.93 -25.45
CA LEU A 6 1.85 -12.21 -24.59
C LEU A 6 2.36 -12.06 -23.17
N ALA A 7 2.10 -10.88 -22.60
CA ALA A 7 2.58 -10.52 -21.29
C ALA A 7 4.10 -10.69 -21.20
N SER A 8 4.83 -10.21 -22.22
CA SER A 8 6.29 -10.21 -22.19
CA SER A 8 6.29 -10.27 -22.28
C SER A 8 6.84 -9.01 -22.93
N PHE A 9 8.09 -8.72 -22.68
CA PHE A 9 8.82 -7.68 -23.39
C PHE A 9 9.38 -8.23 -24.68
N ILE A 10 9.12 -7.51 -25.77
CA ILE A 10 9.55 -7.92 -27.10
C ILE A 10 10.18 -6.72 -27.79
N VAL A 11 11.01 -7.02 -28.79
CA VAL A 11 11.48 -6.02 -29.75
C VAL A 11 10.84 -6.36 -31.08
N GLY A 12 10.11 -5.41 -31.65
CA GLY A 12 9.41 -5.62 -32.90
C GLY A 12 9.74 -4.58 -33.93
N LEU A 13 9.32 -4.80 -35.18
CA LEU A 13 9.60 -3.88 -36.28
C LEU A 13 8.36 -3.05 -36.58
N ILE A 14 8.50 -1.72 -36.60
CA ILE A 14 7.39 -0.88 -36.96
C ILE A 14 7.19 -0.94 -38.48
N ILE A 15 6.07 -1.50 -38.90
CA ILE A 15 5.80 -1.71 -40.31
C ILE A 15 4.77 -0.73 -40.91
N ASP A 16 4.00 -0.03 -40.08
CA ASP A 16 2.96 0.87 -40.58
C ASP A 16 2.54 1.78 -39.43
N GLU A 17 1.73 2.77 -39.75
CA GLU A 17 1.17 3.69 -38.77
C GLU A 17 -0.10 4.30 -39.32
N ASN A 18 -0.95 4.74 -38.41
CA ASN A 18 -2.06 5.62 -38.76
C ASN A 18 -2.08 6.78 -37.79
N ASP A 19 -3.16 7.54 -37.71
CA ASP A 19 -3.16 8.73 -36.87
C ASP A 19 -3.02 8.42 -35.39
N ARG A 20 -3.41 7.21 -34.99
CA ARG A 20 -3.50 6.83 -33.57
CA ARG A 20 -3.50 6.84 -33.57
C ARG A 20 -2.44 5.84 -33.11
N PHE A 21 -1.90 5.03 -34.04
CA PHE A 21 -1.04 3.89 -33.68
C PHE A 21 0.15 3.72 -34.60
N TYR A 22 1.21 3.16 -34.01
CA TYR A 22 2.25 2.45 -34.74
C TYR A 22 1.89 0.97 -34.73
N PHE A 23 2.12 0.30 -35.85
CA PHE A 23 1.86 -1.13 -35.96
C PHE A 23 3.17 -1.88 -36.01
N VAL A 24 3.36 -2.74 -35.00
CA VAL A 24 4.62 -3.37 -34.68
C VAL A 24 4.54 -4.87 -34.92
N GLN A 25 5.40 -5.37 -35.78
CA GLN A 25 5.37 -6.79 -36.17
C GLN A 25 6.37 -7.62 -35.39
N LYS A 26 5.92 -8.78 -34.87
CA LYS A 26 6.77 -9.71 -34.17
CA LYS A 26 6.76 -9.70 -34.16
C LYS A 26 6.19 -11.11 -34.36
N ASP A 27 7.02 -12.02 -34.87
CA ASP A 27 6.63 -13.43 -35.06
C ASP A 27 5.28 -13.57 -35.78
N GLY A 28 5.09 -12.79 -36.83
CA GLY A 28 3.94 -12.92 -37.72
C GLY A 28 2.66 -12.25 -37.27
N GLN A 29 2.72 -11.52 -36.16
CA GLN A 29 1.56 -10.86 -35.57
CA GLN A 29 1.54 -10.83 -35.66
C GLN A 29 1.84 -9.37 -35.44
N THR A 30 0.78 -8.57 -35.50
CA THR A 30 0.86 -7.13 -35.47
C THR A 30 0.30 -6.58 -34.16
N TYR A 31 1.10 -5.79 -33.44
CA TYR A 31 0.74 -5.21 -32.14
C TYR A 31 0.57 -3.70 -32.30
N ALA A 32 -0.48 -3.12 -31.75
CA ALA A 32 -0.75 -1.69 -31.90
C ALA A 32 -0.19 -0.94 -30.68
N LEU A 33 0.65 0.05 -31.00
CA LEU A 33 1.32 0.94 -30.02
C LEU A 33 0.77 2.34 -30.14
N ALA A 34 0.14 2.85 -29.08
CA ALA A 34 -0.45 4.17 -29.14
C ALA A 34 0.61 5.23 -29.40
N LYS A 35 0.34 6.09 -30.37
CA LYS A 35 1.30 7.15 -30.75
C LYS A 35 1.55 8.14 -29.65
N GLU A 36 0.56 8.38 -28.80
CA GLU A 36 0.71 9.35 -27.71
CA GLU A 36 0.69 9.33 -27.67
C GLU A 36 1.77 8.94 -26.66
N GLU A 37 2.19 7.67 -26.68
CA GLU A 37 3.29 7.23 -25.81
C GLU A 37 4.66 7.76 -26.22
N GLY A 38 4.81 8.16 -27.47
CA GLY A 38 6.12 8.66 -27.94
C GLY A 38 6.28 8.57 -29.43
N GLN A 39 7.23 9.33 -29.96
CA GLN A 39 7.57 9.30 -31.37
C GLN A 39 8.41 8.09 -31.74
N HIS A 40 8.11 7.58 -32.93
CA HIS A 40 8.87 6.55 -33.59
C HIS A 40 8.81 6.74 -35.09
N THR A 41 9.64 5.97 -35.80
CA THR A 41 9.67 6.01 -37.28
C THR A 41 9.41 4.63 -37.84
N VAL A 42 8.52 4.54 -38.82
CA VAL A 42 8.29 3.31 -39.53
C VAL A 42 9.61 2.80 -40.12
N GLY A 43 9.84 1.50 -39.99
CA GLY A 43 11.07 0.88 -40.41
C GLY A 43 12.07 0.69 -39.30
N ASP A 44 11.86 1.36 -38.16
CA ASP A 44 12.72 1.16 -37.02
C ASP A 44 12.15 0.08 -36.10
N THR A 45 13.00 -0.45 -35.23
CA THR A 45 12.51 -1.35 -34.19
C THR A 45 12.04 -0.56 -32.96
N VAL A 46 11.23 -1.20 -32.13
CA VAL A 46 10.79 -0.65 -30.85
C VAL A 46 10.63 -1.78 -29.84
N LYS A 47 11.06 -1.50 -28.62
CA LYS A 47 10.94 -2.40 -27.48
CA LYS A 47 10.92 -2.42 -27.50
C LYS A 47 9.71 -2.01 -26.67
N GLY A 48 8.95 -2.99 -26.25
CA GLY A 48 7.80 -2.73 -25.37
C GLY A 48 7.25 -4.02 -24.84
N PHE A 49 6.15 -3.85 -24.11
CA PHE A 49 5.45 -4.96 -23.43
C PHE A 49 4.21 -5.30 -24.25
N ALA A 50 4.11 -6.56 -24.67
CA ALA A 50 3.01 -7.07 -25.50
C ALA A 50 1.90 -7.65 -24.67
N TYR A 51 0.66 -7.39 -25.05
CA TYR A 51 -0.50 -7.88 -24.29
C TYR A 51 -1.72 -7.76 -25.19
N THR A 52 -2.91 -8.07 -24.68
CA THR A 52 -4.16 -7.91 -25.43
CA THR A 52 -4.16 -7.92 -25.44
C THR A 52 -5.05 -6.95 -24.66
N ASP A 53 -5.75 -6.05 -25.36
N ASP A 53 -5.79 -6.10 -25.35
CA ASP A 53 -6.64 -5.09 -24.70
CA ASP A 53 -6.73 -5.21 -24.67
C ASP A 53 -8.09 -5.62 -24.59
C ASP A 53 -8.01 -5.96 -24.28
N MSE A 54 -8.95 -4.85 -23.93
N MSE A 54 -9.03 -5.22 -23.90
CA MSE A 54 -10.31 -5.31 -23.66
CA MSE A 54 -10.30 -5.83 -23.49
C MSE A 54 -11.18 -5.39 -24.92
C MSE A 54 -11.11 -6.23 -24.70
O MSE A 54 -12.31 -5.89 -24.87
O MSE A 54 -12.04 -7.04 -24.59
CB MSE A 54 -11.01 -4.41 -22.63
CB MSE A 54 -11.14 -4.85 -22.66
CG MSE A 54 -10.22 -4.15 -21.34
CG MSE A 54 -10.48 -4.29 -21.42
SE MSE A 54 -9.66 -5.75 -20.40
SE MSE A 54 -9.96 -5.64 -20.12
CE MSE A 54 -11.18 -5.78 -19.16
CE MSE A 54 -11.73 -6.40 -19.79
N LYS A 55 -10.65 -4.89 -26.03
N LYS A 55 -10.84 -5.59 -25.83
CA LYS A 55 -11.30 -5.01 -27.34
CA LYS A 55 -11.61 -5.80 -27.08
C LYS A 55 -10.68 -6.14 -28.16
C LYS A 55 -10.88 -6.85 -27.88
N GLN A 56 -9.88 -6.97 -27.51
N GLN A 56 -9.85 -7.42 -27.29
CA GLN A 56 -9.37 -8.22 -28.06
CA GLN A 56 -9.12 -8.50 -27.90
C GLN A 56 -8.25 -7.98 -29.10
C GLN A 56 -7.91 -8.08 -28.77
N LYS A 57 -7.70 -6.78 -29.02
CA LYS A 57 -6.69 -6.35 -29.94
C LYS A 57 -5.29 -6.60 -29.33
N LEU A 58 -4.35 -7.04 -30.16
CA LEU A 58 -2.94 -7.10 -29.76
C LEU A 58 -2.34 -5.70 -29.58
N ARG A 59 -1.66 -5.48 -28.45
CA ARG A 59 -1.11 -4.18 -28.09
C ARG A 59 0.33 -4.30 -27.68
N LEU A 60 1.04 -3.20 -27.86
CA LEU A 60 2.34 -3.00 -27.28
C LEU A 60 2.30 -1.69 -26.51
N THR A 61 2.90 -1.66 -25.32
CA THR A 61 3.14 -0.38 -24.62
C THR A 61 4.60 -0.20 -24.33
N THR A 62 5.02 1.05 -24.47
CA THR A 62 6.37 1.48 -24.06
C THR A 62 6.41 2.19 -22.71
N LEU A 63 5.25 2.31 -22.05
CA LEU A 63 5.18 2.89 -20.72
C LEU A 63 5.80 1.95 -19.73
N GLU A 64 6.13 2.49 -18.57
CA GLU A 64 6.62 1.64 -17.50
CA GLU A 64 6.58 1.68 -17.44
CA GLU A 64 6.60 1.65 -17.46
C GLU A 64 5.51 0.61 -17.18
N VAL A 65 5.93 -0.64 -17.01
CA VAL A 65 5.04 -1.74 -16.69
C VAL A 65 5.45 -2.25 -15.30
N THR A 66 4.47 -2.41 -14.43
CA THR A 66 4.72 -2.85 -13.04
C THR A 66 4.53 -4.39 -12.95
N ALA A 67 3.28 -4.87 -12.99
CA ALA A 67 3.02 -6.30 -12.96
C ALA A 67 3.38 -6.94 -14.30
N THR A 68 4.27 -7.94 -14.28
CA THR A 68 4.62 -8.72 -15.44
C THR A 68 4.56 -10.18 -15.05
N GLN A 69 5.03 -11.08 -15.89
CA GLN A 69 5.10 -12.48 -15.47
C GLN A 69 6.16 -12.69 -14.41
N ASP A 70 7.15 -11.80 -14.34
CA ASP A 70 8.31 -11.99 -13.47
C ASP A 70 8.38 -11.01 -12.30
N GLN A 71 7.50 -10.02 -12.27
CA GLN A 71 7.55 -8.94 -11.29
C GLN A 71 6.14 -8.61 -10.81
N PHE A 72 5.99 -8.39 -9.53
CA PHE A 72 4.74 -7.97 -8.96
C PHE A 72 4.53 -6.49 -9.14
N GLY A 73 3.27 -6.09 -9.26
CA GLY A 73 2.88 -4.69 -9.32
C GLY A 73 1.54 -4.51 -8.63
N TRP A 74 1.33 -3.30 -8.10
CA TRP A 74 0.09 -2.94 -7.46
C TRP A 74 -0.98 -2.61 -8.50
N GLY A 75 -2.18 -3.05 -8.21
CA GLY A 75 -3.35 -2.73 -9.01
C GLY A 75 -4.52 -2.34 -8.12
N ARG A 76 -5.30 -1.41 -8.62
CA ARG A 76 -6.52 -0.99 -7.96
CA ARG A 76 -6.51 -0.96 -7.99
C ARG A 76 -7.69 -1.81 -8.47
N VAL A 77 -8.51 -2.32 -7.55
CA VAL A 77 -9.68 -3.10 -7.93
C VAL A 77 -10.71 -2.15 -8.55
N THR A 78 -11.16 -2.48 -9.76
CA THR A 78 -12.12 -1.64 -10.46
C THR A 78 -13.52 -2.22 -10.52
N GLU A 79 -13.64 -3.53 -10.36
CA GLU A 79 -14.93 -4.21 -10.54
C GLU A 79 -14.85 -5.58 -9.90
N VAL A 80 -15.94 -5.98 -9.25
CA VAL A 80 -16.10 -7.30 -8.63
C VAL A 80 -17.21 -8.03 -9.39
N ARG A 81 -16.92 -9.26 -9.82
CA ARG A 81 -17.89 -10.10 -10.49
CA ARG A 81 -17.92 -10.13 -10.47
C ARG A 81 -17.88 -11.48 -9.77
N LYS A 82 -18.92 -11.80 -9.05
CA LYS A 82 -18.88 -12.92 -8.11
C LYS A 82 -18.63 -14.27 -8.76
N ASP A 83 -19.05 -14.43 -10.01
CA ASP A 83 -18.86 -15.66 -10.79
CA ASP A 83 -18.84 -15.69 -10.74
C ASP A 83 -17.55 -15.71 -11.56
N LEU A 84 -16.69 -14.69 -11.40
CA LEU A 84 -15.44 -14.60 -12.12
C LEU A 84 -14.23 -14.31 -11.22
N GLY A 85 -14.30 -13.23 -10.46
CA GLY A 85 -13.19 -12.74 -9.65
C GLY A 85 -13.25 -11.22 -9.58
N VAL A 86 -12.08 -10.58 -9.49
CA VAL A 86 -12.01 -9.14 -9.43
C VAL A 86 -11.09 -8.63 -10.53
N PHE A 87 -11.41 -7.46 -11.04
CA PHE A 87 -10.61 -6.79 -12.06
C PHE A 87 -9.71 -5.77 -11.39
N VAL A 88 -8.45 -5.73 -11.84
CA VAL A 88 -7.53 -4.74 -11.27
CA VAL A 88 -7.40 -4.90 -11.26
C VAL A 88 -6.76 -3.99 -12.33
N ASP A 89 -6.62 -2.72 -12.06
CA ASP A 89 -5.92 -1.81 -12.97
C ASP A 89 -4.46 -1.64 -12.49
N THR A 90 -3.52 -2.25 -13.22
CA THR A 90 -2.07 -2.10 -12.99
C THR A 90 -1.41 -1.08 -13.91
N GLY A 91 -2.21 -0.38 -14.71
CA GLY A 91 -1.68 0.66 -15.61
C GLY A 91 -1.38 0.23 -17.03
N LEU A 92 -1.75 -0.98 -17.44
CA LEU A 92 -1.61 -1.35 -18.86
C LEU A 92 -2.69 -0.65 -19.67
N PRO A 93 -2.30 0.08 -20.71
CA PRO A 93 -3.33 0.84 -21.43
C PRO A 93 -4.44 -0.05 -22.00
N ASP A 94 -5.69 0.27 -21.63
CA ASP A 94 -6.87 -0.45 -22.14
C ASP A 94 -6.91 -1.92 -21.71
N LYS A 95 -6.32 -2.25 -20.57
CA LYS A 95 -6.34 -3.63 -20.07
C LYS A 95 -6.37 -3.67 -18.57
N GLU A 96 -7.42 -4.24 -18.03
CA GLU A 96 -7.51 -4.59 -16.61
C GLU A 96 -7.33 -6.09 -16.50
N ILE A 97 -6.76 -6.51 -15.38
CA ILE A 97 -6.34 -7.90 -15.16
CA ILE A 97 -6.42 -7.93 -15.20
C ILE A 97 -7.34 -8.59 -14.20
N VAL A 98 -7.79 -9.79 -14.55
CA VAL A 98 -8.68 -10.55 -13.69
C VAL A 98 -7.90 -11.41 -12.72
N VAL A 99 -8.18 -11.26 -11.40
CA VAL A 99 -7.73 -12.18 -10.37
C VAL A 99 -8.89 -13.16 -10.16
N SER A 100 -8.68 -14.43 -10.49
CA SER A 100 -9.73 -15.44 -10.41
C SER A 100 -10.28 -15.68 -9.01
N LEU A 101 -11.58 -15.92 -8.94
CA LEU A 101 -12.23 -16.35 -7.71
C LEU A 101 -11.54 -17.58 -7.13
N ASP A 102 -10.84 -18.38 -7.93
CA ASP A 102 -10.26 -19.61 -7.36
CA ASP A 102 -10.18 -19.61 -7.43
C ASP A 102 -9.07 -19.34 -6.43
N ILE A 103 -8.53 -18.12 -6.44
CA ILE A 103 -7.48 -17.78 -5.48
C ILE A 103 -7.89 -16.69 -4.48
N LEU A 104 -9.19 -16.33 -4.47
CA LEU A 104 -9.77 -15.40 -3.52
C LEU A 104 -10.38 -16.20 -2.36
N PRO A 105 -10.59 -15.54 -1.20
CA PRO A 105 -11.26 -16.24 -0.08
C PRO A 105 -12.59 -16.86 -0.51
N GLU A 106 -12.97 -17.98 0.07
CA GLU A 106 -14.30 -18.51 -0.18
C GLU A 106 -15.40 -17.53 0.25
N LEU A 107 -15.19 -16.89 1.38
CA LEU A 107 -16.18 -15.99 1.96
C LEU A 107 -16.19 -14.65 1.24
N LYS A 108 -17.31 -14.31 0.61
CA LYS A 108 -17.38 -13.11 -0.19
C LYS A 108 -17.16 -11.85 0.62
N GLU A 109 -17.50 -11.87 1.89
CA GLU A 109 -17.29 -10.72 2.79
CA GLU A 109 -17.30 -10.67 2.71
C GLU A 109 -15.81 -10.36 2.93
N LEU A 110 -14.94 -11.32 2.61
CA LEU A 110 -13.48 -11.12 2.66
C LEU A 110 -12.87 -10.78 1.32
N TRP A 111 -13.67 -10.80 0.24
CA TRP A 111 -13.13 -10.42 -1.05
C TRP A 111 -12.73 -8.95 -1.10
N PRO A 112 -11.75 -8.63 -1.95
CA PRO A 112 -11.56 -7.23 -2.27
C PRO A 112 -12.82 -6.63 -2.86
N LYS A 113 -12.95 -5.34 -2.65
CA LYS A 113 -14.02 -4.49 -3.19
CA LYS A 113 -14.00 -4.60 -3.32
C LYS A 113 -13.40 -3.44 -4.09
N LYS A 114 -14.21 -2.79 -4.92
CA LYS A 114 -13.77 -1.67 -5.73
C LYS A 114 -13.01 -0.67 -4.86
N GLY A 115 -11.85 -0.27 -5.33
CA GLY A 115 -10.96 0.65 -4.62
C GLY A 115 -9.85 0.02 -3.82
N ASP A 116 -9.96 -1.28 -3.55
CA ASP A 116 -8.93 -1.97 -2.80
C ASP A 116 -7.69 -2.17 -3.67
N GLN A 117 -6.58 -2.57 -3.06
CA GLN A 117 -5.29 -2.66 -3.73
C GLN A 117 -4.71 -4.04 -3.57
N LEU A 118 -4.29 -4.63 -4.69
CA LEU A 118 -3.72 -5.96 -4.74
C LEU A 118 -2.38 -5.95 -5.42
N TYR A 119 -1.47 -6.81 -4.94
CA TYR A 119 -0.11 -6.91 -5.46
C TYR A 119 -0.02 -8.21 -6.24
N ILE A 120 0.08 -8.08 -7.56
CA ILE A 120 -0.10 -9.22 -8.45
C ILE A 120 1.00 -9.36 -9.49
N ARG A 121 1.15 -10.59 -10.00
CA ARG A 121 1.95 -10.83 -11.18
C ARG A 121 1.04 -11.45 -12.23
N LEU A 122 1.52 -11.57 -13.44
CA LEU A 122 0.71 -12.04 -14.56
C LEU A 122 1.04 -13.47 -14.93
N GLU A 123 -0.01 -14.16 -15.42
CA GLU A 123 0.09 -15.50 -16.00
CA GLU A 123 0.17 -15.46 -16.08
C GLU A 123 -0.75 -15.53 -17.29
N VAL A 124 -0.31 -16.27 -18.28
CA VAL A 124 -1.07 -16.47 -19.50
C VAL A 124 -1.52 -17.92 -19.59
N ASP A 125 -2.81 -18.14 -19.80
CA ASP A 125 -3.35 -19.50 -19.94
C ASP A 125 -3.23 -20.01 -21.38
N LYS A 126 -3.71 -21.25 -21.60
CA LYS A 126 -3.55 -21.88 -22.92
C LYS A 126 -4.41 -21.26 -24.01
N LYS A 127 -5.38 -20.44 -23.63
CA LYS A 127 -6.23 -19.70 -24.53
C LYS A 127 -5.80 -18.24 -24.68
N ASP A 128 -4.55 -17.95 -24.28
CA ASP A 128 -3.97 -16.62 -24.46
C ASP A 128 -4.62 -15.58 -23.61
N ARG A 129 -5.26 -16.00 -22.52
CA ARG A 129 -5.88 -15.08 -21.58
C ARG A 129 -4.92 -14.75 -20.45
N ILE A 130 -4.82 -13.47 -20.10
CA ILE A 130 -3.96 -13.02 -19.02
C ILE A 130 -4.82 -13.11 -17.75
C ILE A 130 -4.66 -12.82 -17.68
N TRP A 131 -4.17 -13.53 -16.67
CA TRP A 131 -4.74 -13.54 -15.31
C TRP A 131 -3.75 -12.98 -14.31
N GLY A 132 -4.27 -12.54 -13.17
CA GLY A 132 -3.42 -12.00 -12.11
C GLY A 132 -3.26 -13.00 -10.97
N LEU A 133 -2.04 -13.18 -10.49
CA LEU A 133 -1.71 -14.09 -9.39
C LEU A 133 -1.28 -13.23 -8.19
N LEU A 134 -1.89 -13.47 -7.05
CA LEU A 134 -1.59 -12.76 -5.82
C LEU A 134 -0.22 -13.11 -5.23
N ALA A 135 0.46 -12.10 -4.71
CA ALA A 135 1.64 -12.26 -3.89
C ALA A 135 1.32 -12.96 -2.56
N TYR A 136 2.29 -13.73 -2.09
CA TYR A 136 2.12 -14.35 -0.77
CA TYR A 136 2.30 -14.53 -0.86
C TYR A 136 3.12 -13.79 0.21
N GLN A 137 3.04 -14.26 1.46
CA GLN A 137 3.88 -13.75 2.53
C GLN A 137 5.34 -13.62 2.16
N GLU A 138 5.90 -14.65 1.53
CA GLU A 138 7.31 -14.65 1.20
CA GLU A 138 7.33 -14.63 1.24
C GLU A 138 7.67 -13.54 0.22
N ASP A 139 6.74 -13.23 -0.69
CA ASP A 139 6.95 -12.12 -1.61
C ASP A 139 6.95 -10.78 -0.91
N PHE A 140 6.03 -10.60 0.05
CA PHE A 140 6.04 -9.37 0.87
C PHE A 140 7.28 -9.23 1.74
N GLN A 141 7.77 -10.35 2.25
CA GLN A 141 9.03 -10.33 3.00
C GLN A 141 10.22 -9.93 2.14
N ARG A 142 10.27 -10.42 0.90
CA ARG A 142 11.31 -10.00 -0.04
C ARG A 142 11.24 -8.50 -0.38
N LEU A 143 10.03 -7.96 -0.55
CA LEU A 143 9.80 -6.57 -0.90
C LEU A 143 10.19 -5.62 0.23
N ALA A 144 9.70 -5.92 1.43
CA ALA A 144 9.80 -5.01 2.55
C ALA A 144 11.17 -5.05 3.18
N ARG A 145 11.44 -4.01 3.93
CA ARG A 145 12.62 -4.03 4.78
C ARG A 145 12.20 -4.05 6.23
N PRO A 146 13.16 -4.35 7.10
CA PRO A 146 12.85 -4.41 8.51
C PRO A 146 12.27 -3.11 9.07
N ALA A 147 11.28 -3.23 9.94
CA ALA A 147 10.66 -2.05 10.51
C ALA A 147 11.63 -1.40 11.49
N TYR A 148 11.36 -0.12 11.69
CA TYR A 148 12.09 0.67 12.69
CA TYR A 148 12.04 0.66 12.72
C TYR A 148 11.30 0.66 14.03
N ASN A 149 12.03 0.80 15.14
CA ASN A 149 11.47 0.74 16.47
C ASN A 149 11.16 2.11 17.10
N ASN A 150 11.15 3.15 16.26
CA ASN A 150 10.89 4.53 16.70
C ASN A 150 9.60 5.12 16.12
N MSE A 151 8.60 4.28 15.91
CA MSE A 151 7.36 4.68 15.22
C MSE A 151 6.09 4.62 16.08
O MSE A 151 4.98 4.82 15.58
CB MSE A 151 7.21 3.82 13.97
CG MSE A 151 8.35 3.97 12.97
SE MSE A 151 8.26 2.76 11.49
CE MSE A 151 6.64 3.35 10.64
N GLN A 152 6.23 4.36 17.38
CA GLN A 152 5.11 4.25 18.28
C GLN A 152 4.21 5.47 18.16
N ASN A 153 2.90 5.22 18.10
CA ASN A 153 1.89 6.26 18.11
C ASN A 153 1.82 7.09 16.84
N GLN A 154 2.48 6.63 15.78
CA GLN A 154 2.28 7.16 14.44
C GLN A 154 1.14 6.42 13.71
N ASN A 155 0.46 7.11 12.81
CA ASN A 155 -0.53 6.49 11.94
C ASN A 155 0.03 6.47 10.52
N TRP A 156 -0.25 5.37 9.81
CA TRP A 156 0.19 5.17 8.44
C TRP A 156 -0.82 4.36 7.67
N PRO A 157 -0.91 4.55 6.36
CA PRO A 157 -1.78 3.67 5.59
C PRO A 157 -1.17 2.26 5.55
N ALA A 158 -2.04 1.25 5.53
CA ALA A 158 -1.61 -0.14 5.59
C ALA A 158 -2.57 -0.94 4.71
N ILE A 159 -2.01 -1.79 3.86
CA ILE A 159 -2.77 -2.55 2.85
C ILE A 159 -2.79 -4.00 3.26
N VAL A 160 -3.99 -4.55 3.42
CA VAL A 160 -4.16 -5.96 3.79
C VAL A 160 -3.76 -6.87 2.66
N TYR A 161 -2.86 -7.82 2.90
CA TYR A 161 -2.42 -8.76 1.86
C TYR A 161 -2.60 -10.24 2.21
N ARG A 162 -2.96 -10.55 3.45
CA ARG A 162 -3.05 -11.92 3.89
C ARG A 162 -3.95 -11.93 5.12
N LEU A 163 -4.91 -12.85 5.17
CA LEU A 163 -5.89 -13.00 6.24
C LEU A 163 -5.64 -14.32 6.97
N LYS A 164 -5.66 -14.27 8.29
CA LYS A 164 -5.60 -15.48 9.11
C LYS A 164 -6.51 -15.33 10.32
N LEU A 165 -6.91 -16.46 10.90
CA LEU A 165 -7.70 -16.41 12.13
C LEU A 165 -6.98 -15.65 13.23
N SER A 166 -5.66 -15.76 13.30
CA SER A 166 -4.87 -15.09 14.35
C SER A 166 -4.74 -13.59 14.16
N GLY A 167 -5.04 -13.10 12.96
CA GLY A 167 -4.94 -11.68 12.68
C GLY A 167 -4.58 -11.39 11.25
N THR A 168 -4.40 -10.11 10.97
CA THR A 168 -4.36 -9.58 9.61
C THR A 168 -2.96 -9.06 9.29
N PHE A 169 -2.40 -9.46 8.17
CA PHE A 169 -1.07 -9.08 7.73
C PHE A 169 -1.20 -7.92 6.76
N VAL A 170 -0.44 -6.86 6.97
CA VAL A 170 -0.52 -5.63 6.22
C VAL A 170 0.86 -5.16 5.76
N TYR A 171 0.87 -4.42 4.64
CA TYR A 171 2.03 -3.80 4.05
C TYR A 171 1.81 -2.28 4.14
N LEU A 172 2.83 -1.56 4.62
CA LEU A 172 2.81 -0.11 4.77
C LEU A 172 3.53 0.52 3.57
N PRO A 173 2.74 1.03 2.59
CA PRO A 173 3.39 1.46 1.33
C PRO A 173 4.22 2.72 1.43
N GLU A 174 3.97 3.58 2.41
CA GLU A 174 4.80 4.78 2.55
C GLU A 174 6.14 4.44 3.15
N ASN A 175 6.23 3.30 3.85
CA ASN A 175 7.39 2.95 4.66
C ASN A 175 8.11 1.73 4.13
N ASN A 176 7.50 0.97 3.24
CA ASN A 176 8.00 -0.33 2.81
C ASN A 176 8.30 -1.30 3.97
N MSE A 177 7.32 -1.40 4.87
CA MSE A 177 7.44 -2.24 6.07
C MSE A 177 6.22 -3.14 6.22
O MSE A 177 5.17 -2.90 5.58
CB MSE A 177 7.59 -1.37 7.33
CG MSE A 177 8.90 -0.63 7.36
SE MSE A 177 8.89 0.67 8.80
CE MSE A 177 10.47 1.58 8.28
N LEU A 178 6.35 -4.18 7.02
CA LEU A 178 5.26 -5.09 7.31
C LEU A 178 4.72 -4.92 8.69
N GLY A 179 3.44 -5.16 8.87
CA GLY A 179 2.79 -5.12 10.14
C GLY A 179 1.69 -6.15 10.29
N PHE A 180 1.07 -6.15 11.46
CA PHE A 180 0.11 -7.14 11.86
C PHE A 180 -0.91 -6.50 12.78
N ILE A 181 -2.16 -6.91 12.63
CA ILE A 181 -3.26 -6.43 13.44
C ILE A 181 -3.95 -7.61 14.13
N HIS A 182 -3.88 -7.67 15.43
CA HIS A 182 -4.58 -8.72 16.19
C HIS A 182 -6.08 -8.47 16.12
N PRO A 183 -6.90 -9.53 16.22
CA PRO A 183 -8.35 -9.30 16.17
C PRO A 183 -8.90 -8.33 17.19
N SER A 184 -8.32 -8.33 18.39
CA SER A 184 -8.75 -7.44 19.45
C SER A 184 -8.46 -5.97 19.16
N GLU A 185 -7.66 -5.68 18.13
CA GLU A 185 -7.28 -4.32 17.78
C GLU A 185 -7.98 -3.83 16.52
N ARG A 186 -9.05 -4.51 16.14
CA ARG A 186 -9.88 -4.03 15.05
C ARG A 186 -11.35 -4.44 15.31
N TYR A 187 -12.22 -4.07 14.38
N TYR A 187 -12.20 -4.11 14.35
CA TYR A 187 -13.64 -4.38 14.52
CA TYR A 187 -13.62 -4.33 14.45
C TYR A 187 -14.00 -5.54 13.57
C TYR A 187 -13.98 -5.52 13.56
N ALA A 188 -14.60 -5.27 12.42
CA ALA A 188 -14.93 -6.32 11.46
C ALA A 188 -13.67 -6.92 10.86
N GLU A 189 -13.76 -8.16 10.44
CA GLU A 189 -12.69 -8.80 9.67
CA GLU A 189 -12.73 -8.82 9.64
C GLU A 189 -12.28 -7.92 8.50
N PRO A 190 -11.00 -7.54 8.42
CA PRO A 190 -10.55 -6.84 7.21
C PRO A 190 -10.67 -7.68 5.94
N ARG A 191 -10.96 -7.05 4.82
CA ARG A 191 -10.97 -7.84 3.60
CA ARG A 191 -10.99 -7.66 3.47
C ARG A 191 -9.61 -7.79 2.90
N LEU A 192 -9.40 -8.77 2.04
CA LEU A 192 -8.19 -8.79 1.24
C LEU A 192 -8.11 -7.53 0.37
N GLY A 193 -6.98 -6.81 0.45
CA GLY A 193 -6.77 -5.60 -0.32
C GLY A 193 -7.27 -4.34 0.33
N GLN A 194 -7.91 -4.44 1.50
CA GLN A 194 -8.44 -3.26 2.15
C GLN A 194 -7.29 -2.32 2.57
N VAL A 195 -7.49 -1.03 2.34
CA VAL A 195 -6.55 0.01 2.76
C VAL A 195 -7.04 0.61 4.09
N LEU A 196 -6.20 0.47 5.11
CA LEU A 196 -6.52 0.78 6.48
C LEU A 196 -5.66 1.98 6.94
N ASP A 197 -6.15 2.68 7.95
CA ASP A 197 -5.40 3.75 8.63
C ASP A 197 -5.00 3.14 9.97
N ALA A 198 -3.76 2.70 10.06
CA ALA A 198 -3.26 1.93 11.19
C ALA A 198 -2.35 2.72 12.10
N ARG A 199 -2.50 2.52 13.41
CA ARG A 199 -1.65 3.17 14.41
CA ARG A 199 -1.68 3.16 14.42
C ARG A 199 -0.65 2.18 14.97
N VAL A 200 0.60 2.59 15.07
CA VAL A 200 1.65 1.72 15.61
C VAL A 200 1.52 1.63 17.13
N ILE A 201 1.33 0.42 17.63
CA ILE A 201 1.22 0.17 19.07
C ILE A 201 2.32 -0.72 19.61
N GLY A 202 3.20 -1.23 18.76
CA GLY A 202 4.38 -1.95 19.23
C GLY A 202 5.28 -2.43 18.11
N PHE A 203 6.38 -3.03 18.52
CA PHE A 203 7.43 -3.47 17.61
C PHE A 203 7.71 -4.92 17.96
N ARG A 204 7.65 -5.79 16.96
CA ARG A 204 7.87 -7.22 17.15
CA ARG A 204 7.90 -7.22 17.20
C ARG A 204 9.32 -7.56 16.72
N GLU A 205 10.18 -7.82 17.69
CA GLU A 205 11.60 -7.95 17.46
CA GLU A 205 11.61 -7.98 17.50
C GLU A 205 11.93 -9.19 16.61
N VAL A 206 11.20 -10.29 16.79
CA VAL A 206 11.62 -11.55 16.18
C VAL A 206 11.72 -11.44 14.66
N ASP A 207 10.82 -10.69 14.03
CA ASP A 207 10.83 -10.51 12.58
C ASP A 207 10.83 -9.03 12.16
N ARG A 208 11.07 -8.11 13.11
CA ARG A 208 11.12 -6.66 12.85
C ARG A 208 9.91 -6.21 12.02
N THR A 209 8.74 -6.46 12.60
CA THR A 209 7.47 -6.04 12.04
C THR A 209 6.74 -5.18 13.07
N LEU A 210 5.75 -4.42 12.65
CA LEU A 210 5.02 -3.51 13.52
C LEU A 210 3.71 -4.15 13.98
N ASN A 211 3.38 -3.94 15.24
CA ASN A 211 2.08 -4.28 15.80
C ASN A 211 1.21 -3.05 15.67
N LEU A 212 0.00 -3.21 15.14
CA LEU A 212 -0.84 -2.10 14.72
C LEU A 212 -2.25 -2.22 15.28
N SER A 213 -2.92 -1.09 15.42
CA SER A 213 -4.32 -1.04 15.84
C SER A 213 -5.15 -0.16 14.94
N LEU A 214 -6.40 -0.53 14.80
CA LEU A 214 -7.44 0.29 14.16
C LEU A 214 -8.39 0.94 15.16
N LYS A 215 -8.15 0.71 16.45
CA LYS A 215 -9.00 1.23 17.53
CA LYS A 215 -9.05 1.26 17.42
C LYS A 215 -8.61 2.66 17.82
N PRO A 216 -9.55 3.47 18.32
CA PRO A 216 -9.20 4.84 18.66
C PRO A 216 -8.23 4.95 19.81
N ARG A 217 -7.41 5.99 19.80
CA ARG A 217 -6.63 6.30 20.98
C ARG A 217 -7.55 6.44 22.19
N SER A 218 -6.99 6.09 23.36
CA SER A 218 -7.73 6.23 24.63
C SER A 218 -8.23 7.66 24.82
N PHE A 219 -9.49 7.80 25.21
CA PHE A 219 -10.00 9.10 25.64
C PHE A 219 -9.29 9.53 26.89
N GLU A 220 -8.72 10.73 26.86
CA GLU A 220 -8.00 11.27 28.02
C GLU A 220 -8.26 12.76 28.10
N MSE A 221 -9.16 13.14 29.02
CA MSE A 221 -9.47 14.53 29.21
C MSE A 221 -8.27 15.22 29.89
O MSE A 221 -7.69 14.68 30.85
CB MSE A 221 -10.77 14.71 30.01
CG MSE A 221 -11.18 16.17 30.34
SE MSE A 221 -10.30 16.96 31.91
CE MSE A 221 -11.01 15.74 33.24
N LEU A 222 -7.93 16.39 29.39
CA LEU A 222 -6.80 17.19 29.91
C LEU A 222 -7.28 18.55 30.38
N GLU A 223 -6.74 19.00 31.50
CA GLU A 223 -6.96 20.37 31.98
C GLU A 223 -6.21 21.37 31.09
N ASN A 224 -6.56 22.64 31.18
CA ASN A 224 -6.07 23.67 30.30
C ASN A 224 -4.55 23.78 30.27
N ASP A 225 -3.91 23.75 31.44
CA ASP A 225 -2.45 23.88 31.46
C ASP A 225 -1.79 22.67 30.78
N ALA A 226 -2.31 21.48 31.04
CA ALA A 226 -1.78 20.27 30.40
C ALA A 226 -1.96 20.34 28.88
N GLN A 227 -3.10 20.81 28.42
CA GLN A 227 -3.34 20.98 26.99
C GLN A 227 -2.36 21.97 26.36
N MSE A 228 -2.07 23.07 27.05
CA MSE A 228 -1.11 24.05 26.58
C MSE A 228 0.26 23.38 26.38
O MSE A 228 0.93 23.60 25.37
CB MSE A 228 -1.01 25.20 27.59
CG MSE A 228 0.14 26.15 27.30
SE MSE A 228 0.22 27.67 28.52
CE MSE A 228 0.55 26.68 30.14
N ILE A 229 0.69 22.60 27.36
CA ILE A 229 1.98 21.93 27.26
C ILE A 229 1.99 20.91 26.12
N LEU A 230 0.91 20.15 25.97
CA LEU A 230 0.80 19.19 24.89
C LEU A 230 0.89 19.86 23.52
N THR A 231 0.16 20.94 23.31
CA THR A 231 0.18 21.69 22.06
C THR A 231 1.62 22.23 21.82
N TYR A 232 2.29 22.72 22.87
CA TYR A 232 3.69 23.16 22.76
C TYR A 232 4.60 22.02 22.28
N LEU A 233 4.48 20.84 22.89
CA LEU A 233 5.29 19.71 22.49
C LEU A 233 5.03 19.31 21.04
N GLU A 234 3.79 19.34 20.61
CA GLU A 234 3.41 18.97 19.25
C GLU A 234 3.98 19.95 18.23
N SER A 235 4.17 21.19 18.64
CA SER A 235 4.68 22.26 17.80
C SER A 235 6.21 22.40 17.85
N ASN A 236 6.87 21.66 18.74
CA ASN A 236 8.31 21.80 19.01
C ASN A 236 9.00 20.44 18.92
N GLY A 237 8.59 19.64 17.95
CA GLY A 237 9.30 18.43 17.63
C GLY A 237 9.20 17.33 18.64
N GLY A 238 8.18 17.40 19.51
CA GLY A 238 7.97 16.36 20.50
C GLY A 238 8.79 16.40 21.77
N PHE A 239 9.59 17.43 21.94
CA PHE A 239 10.56 17.52 23.00
C PHE A 239 10.68 18.94 23.55
N MSE A 240 10.88 19.06 24.86
CA MSE A 240 11.30 20.30 25.48
C MSE A 240 12.24 20.01 26.63
O MSE A 240 12.19 18.90 27.21
CB MSE A 240 10.12 21.09 25.99
CG MSE A 240 9.38 20.45 27.16
SE MSE A 240 7.80 21.44 27.65
CE MSE A 240 7.24 20.28 29.09
N THR A 241 13.10 20.96 26.97
CA THR A 241 14.04 20.75 28.05
C THR A 241 13.43 20.85 29.44
N LEU A 242 12.25 21.43 29.56
CA LEU A 242 11.56 21.59 30.82
C LEU A 242 11.01 20.26 31.30
N ASN A 243 11.05 20.06 32.60
CA ASN A 243 10.50 18.91 33.28
C ASN A 243 10.09 19.30 34.71
N ASP A 244 9.68 18.33 35.51
CA ASP A 244 9.18 18.63 36.86
C ASP A 244 10.25 19.15 37.82
N LYS A 245 11.53 19.14 37.43
CA LYS A 245 12.61 19.68 38.23
C LYS A 245 13.11 21.05 37.76
N SER A 246 12.50 21.60 36.70
CA SER A 246 12.92 22.88 36.16
C SER A 246 12.72 24.02 37.18
N SER A 247 13.41 25.10 36.92
CA SER A 247 13.30 26.26 37.81
C SER A 247 11.95 26.98 37.61
N PRO A 248 11.43 27.61 38.67
CA PRO A 248 10.27 28.48 38.52
C PRO A 248 10.47 29.54 37.44
N ASP A 249 11.68 30.12 37.31
CA ASP A 249 11.89 31.14 36.27
C ASP A 249 11.71 30.60 34.87
N ASP A 250 12.27 29.43 34.61
CA ASP A 250 12.23 28.88 33.25
C ASP A 250 10.78 28.45 32.93
N ILE A 251 10.06 27.91 33.91
CA ILE A 251 8.67 27.51 33.70
C ILE A 251 7.82 28.75 33.44
N LYS A 252 8.04 29.82 34.20
CA LYS A 252 7.25 31.04 34.02
C LYS A 252 7.52 31.71 32.67
N ALA A 253 8.79 31.75 32.26
CA ALA A 253 9.16 32.39 31.01
C ALA A 253 8.51 31.68 29.82
N THR A 254 8.40 30.34 29.87
CA THR A 254 7.86 29.58 28.74
C THR A 254 6.34 29.45 28.77
N PHE A 255 5.76 29.22 29.94
CA PHE A 255 4.34 28.87 30.10
C PHE A 255 3.51 29.85 30.92
N GLY A 256 4.15 30.78 31.62
CA GLY A 256 3.43 31.81 32.35
C GLY A 256 2.73 31.36 33.63
N ILE A 257 3.11 30.18 34.14
CA ILE A 257 2.46 29.57 35.30
C ILE A 257 3.50 29.26 36.37
N SER A 258 3.03 28.99 37.59
CA SER A 258 3.87 28.60 38.71
C SER A 258 4.43 27.20 38.55
N LYS A 259 5.48 26.91 39.32
CA LYS A 259 6.03 25.56 39.29
C LYS A 259 5.01 24.53 39.78
N GLY A 260 4.23 24.87 40.79
CA GLY A 260 3.20 23.95 41.27
C GLY A 260 2.17 23.63 40.21
N GLN A 261 1.72 24.65 39.50
CA GLN A 261 0.77 24.48 38.42
C GLN A 261 1.37 23.64 37.30
N PHE A 262 2.64 23.90 36.97
CA PHE A 262 3.32 23.12 35.94
C PHE A 262 3.43 21.65 36.31
N LYS A 263 3.83 21.38 37.56
CA LYS A 263 3.97 19.99 38.03
C LYS A 263 2.61 19.30 37.97
N LYS A 264 1.52 19.99 38.32
CA LYS A 264 0.20 19.38 38.25
CA LYS A 264 0.18 19.38 38.24
CA LYS A 264 0.17 19.42 38.24
C LYS A 264 -0.14 19.04 36.80
N ALA A 265 0.19 19.93 35.87
CA ALA A 265 -0.05 19.74 34.44
C ALA A 265 0.76 18.56 33.88
N LEU A 266 2.04 18.49 34.22
CA LEU A 266 2.83 17.32 33.82
C LEU A 266 2.28 16.02 34.41
N GLY A 267 1.80 16.08 35.64
CA GLY A 267 1.21 14.91 36.28
C GLY A 267 -0.02 14.46 35.50
N GLY A 268 -0.85 15.41 35.06
CA GLY A 268 -2.00 15.08 34.23
C GLY A 268 -1.59 14.42 32.91
N LEU A 269 -0.54 14.95 32.28
CA LEU A 269 -0.04 14.39 31.04
C LEU A 269 0.57 12.99 31.22
N MSE A 270 1.27 12.80 32.33
CA MSE A 270 1.81 11.48 32.68
C MSE A 270 0.69 10.45 32.86
O MSE A 270 0.78 9.36 32.29
CB MSE A 270 2.61 11.56 33.96
CG MSE A 270 3.87 12.42 33.83
SE MSE A 270 5.38 11.45 33.09
CE MSE A 270 5.98 10.66 34.78
N LYS A 271 -0.31 10.82 33.65
CA LYS A 271 -1.42 9.88 33.93
CA LYS A 271 -1.42 9.91 33.93
C LYS A 271 -2.19 9.55 32.66
N ALA A 272 -2.25 10.49 31.70
CA ALA A 272 -2.92 10.33 30.40
C ALA A 272 -2.08 9.57 29.36
N GLY A 273 -0.87 9.16 29.74
CA GLY A 273 -0.01 8.43 28.85
C GLY A 273 0.58 9.23 27.71
N LYS A 274 0.70 10.55 27.88
CA LYS A 274 1.08 11.42 26.77
C LYS A 274 2.56 11.79 26.74
N ILE A 275 3.24 11.67 27.88
CA ILE A 275 4.63 12.12 28.01
C ILE A 275 5.45 11.16 28.85
N LYS A 276 6.76 11.30 28.76
CA LYS A 276 7.69 10.76 29.74
C LYS A 276 8.74 11.84 29.99
N GLN A 277 9.43 11.72 31.11
CA GLN A 277 10.44 12.68 31.54
C GLN A 277 11.71 11.99 31.96
N ASP A 278 12.82 12.68 31.74
CA ASP A 278 14.12 12.30 32.25
C ASP A 278 14.97 13.54 32.46
N GLN A 279 16.26 13.39 32.74
CA GLN A 279 17.08 14.53 33.05
C GLN A 279 17.16 15.54 31.93
N PHE A 280 16.90 15.08 30.70
CA PHE A 280 17.02 15.99 29.55
C PHE A 280 15.76 16.80 29.27
N GLY A 281 14.64 16.42 29.87
CA GLY A 281 13.38 17.17 29.65
C GLY A 281 12.19 16.25 29.57
N THR A 282 11.26 16.63 28.73
CA THR A 282 9.96 15.98 28.57
C THR A 282 9.80 15.64 27.11
N GLU A 283 9.40 14.38 26.87
CA GLU A 283 9.17 13.85 25.54
CA GLU A 283 9.15 13.88 25.53
C GLU A 283 7.72 13.43 25.33
N LEU A 284 7.18 13.82 24.18
N LEU A 284 7.20 13.77 24.17
CA LEU A 284 5.90 13.36 23.71
CA LEU A 284 5.86 13.46 23.76
C LEU A 284 6.00 11.89 23.38
C LEU A 284 5.83 12.04 23.19
N ILE A 285 5.00 11.15 23.79
CA ILE A 285 4.95 9.72 23.47
C ILE A 285 3.56 9.30 23.06
CL CL B . 9.83 -10.88 19.59
C1 EDO C . 9.63 37.20 34.99
O1 EDO C . 8.97 35.95 34.78
C2 EDO C . 9.93 37.39 36.44
O2 EDO C . 8.74 37.44 37.23
C1 EDO D . -3.90 -13.90 -0.64
O1 EDO D . -4.94 -14.44 0.19
C2 EDO D . -2.56 -14.38 -0.16
O2 EDO D . -2.26 -13.79 1.10
C1 EDO E . -0.29 0.81 -3.91
O1 EDO E . -0.03 1.57 -5.10
C2 EDO E . 0.97 0.79 -3.04
O2 EDO E . 1.85 1.92 -3.28
C1 EDO F . -11.58 -3.34 9.50
O1 EDO F . -11.76 -3.71 10.88
C2 EDO F . -12.40 -2.11 9.13
O2 EDO F . -13.32 -2.41 8.06
C1 EDO G . 12.07 14.63 36.15
O1 EDO G . 11.90 14.20 37.51
C2 EDO G . 12.84 13.55 35.43
O2 EDO G . 14.21 13.57 35.89
C1 EDO H . 13.25 -8.20 -25.38
O1 EDO H . 12.90 -9.32 -24.54
C2 EDO H . 13.20 -6.93 -24.55
O2 EDO H . 14.35 -6.12 -24.82
C1 EDO I . 2.82 5.45 -1.88
O1 EDO I . 2.65 6.75 -2.47
C2 EDO I . 4.28 5.21 -1.54
O2 EDO I . 5.12 5.65 -2.61
C1 EDO J . 7.05 31.55 25.21
C1 EDO J . 6.21 31.53 25.12
O1 EDO J . 6.65 30.18 25.27
C2 EDO J . 7.94 31.81 24.00
C2 EDO J . 6.91 32.07 23.88
O2 EDO J . 8.58 30.61 23.56
O2 EDO J . 6.37 31.42 22.72
C1 EDO K . 4.34 -17.10 -30.70
C1 EDO K . 4.62 -16.73 -30.26
O1 EDO K . 4.39 -17.96 -29.56
C2 EDO K . 5.63 -16.27 -30.75
C2 EDO K . 5.60 -16.93 -31.40
O2 EDO K . 6.70 -17.04 -31.32
O2 EDO K . 4.88 -17.27 -32.60
C1 EDO L . 9.20 -0.33 -2.48
O1 EDO L . 10.20 -0.86 -3.37
C2 EDO L . 9.71 0.94 -1.82
O2 EDO L . 8.68 1.93 -1.83
#